data_3EMV
#
_entry.id   3EMV
#
_cell.length_a   94.749
_cell.length_b   94.749
_cell.length_c   121.254
_cell.angle_alpha   90.00
_cell.angle_beta   90.00
_cell.angle_gamma   120.00
#
_symmetry.space_group_name_H-M   'H 3 2'
#
loop_
_entity.id
_entity.type
_entity.pdbx_description
1 polymer 'Uridine phosphorylase, putative'
2 non-polymer 'SULFATE ION'
3 water water
#
_entity_poly.entity_id   1
_entity_poly.type   'polypeptide(L)'
_entity_poly.pdbx_seq_one_letter_code
;MEGEMQRHIKLTKAQTTPVVLVVGDPGRVDKVKVLCDSYVDLAYNREYKSVECTYKGQKFLCVSHGVGSAGCAICFEELM
NNGAKVIIRAGSCGSLQPTQMKRGDICICNAAVREDRVSHLMIYSDFPAVADYEVYATLNQVAEELKVPVFNGISLSSDM
YYPHKIIPTRLEDYSKANVAVVEMEVATLMVMGTLRKVKTGGIFIVDGCPLKWDEGDFDNNLVPERLENMIKISLETCAR
LAKKYLEHHHHHH
;
_entity_poly.pdbx_strand_id   A
#
# COMPACT_ATOMS: atom_id res chain seq x y z
N MET A 1 0.88 -3.97 35.62
CA MET A 1 1.61 -3.77 34.33
C MET A 1 0.73 -4.09 33.13
N GLU A 2 0.65 -3.15 32.20
CA GLU A 2 -0.11 -3.33 30.97
C GLU A 2 0.92 -3.33 29.81
N GLY A 3 0.70 -4.16 28.80
CA GLY A 3 1.12 -3.86 27.42
C GLY A 3 0.54 -2.60 26.80
N GLU A 4 1.36 -1.55 26.73
CA GLU A 4 0.93 -0.19 26.32
C GLU A 4 0.68 0.00 24.84
N MET A 5 -0.59 -0.01 24.45
CA MET A 5 -0.92 -0.12 23.03
C MET A 5 -1.23 1.24 22.41
N GLN A 6 -1.00 1.32 21.10
CA GLN A 6 -1.61 2.38 20.28
C GLN A 6 -3.13 2.29 20.26
N ARG A 7 -3.78 3.45 20.31
CA ARG A 7 -5.23 3.53 20.51
C ARG A 7 -6.08 2.68 19.53
N HIS A 8 -5.75 2.72 18.25
CA HIS A 8 -6.65 2.12 17.27
C HIS A 8 -6.20 0.73 16.79
N ILE A 9 -4.93 0.58 16.45
CA ILE A 9 -4.39 -0.71 15.99
C ILE A 9 -4.11 -1.71 17.15
N LYS A 10 -4.02 -1.20 18.38
CA LYS A 10 -3.89 -1.97 19.64
C LYS A 10 -2.64 -2.82 19.72
N LEU A 11 -1.56 -2.29 19.15
CA LEU A 11 -0.26 -2.95 19.17
C LEU A 11 0.71 -2.16 20.04
N THR A 12 1.65 -2.89 20.62
CA THR A 12 2.66 -2.31 21.48
C THR A 12 3.91 -2.08 20.64
N LYS A 13 4.82 -1.25 21.11
CA LYS A 13 6.17 -1.14 20.52
C LYS A 13 6.85 -2.49 20.31
N ALA A 14 6.76 -3.32 21.35
CA ALA A 14 7.47 -4.59 21.33
C ALA A 14 6.91 -5.53 20.25
N GLN A 15 5.63 -5.38 19.94
CA GLN A 15 5.04 -6.22 18.90
C GLN A 15 5.31 -5.75 17.48
N THR A 16 5.75 -4.50 17.37
CA THR A 16 5.94 -3.82 16.08
C THR A 16 7.34 -3.98 15.54
N THR A 17 7.41 -4.61 14.36
CA THR A 17 8.65 -4.87 13.67
C THR A 17 9.10 -3.61 12.94
N PRO A 18 10.41 -3.49 12.63
CA PRO A 18 10.87 -2.43 11.75
C PRO A 18 10.14 -2.32 10.41
N VAL A 19 9.82 -3.46 9.80
CA VAL A 19 9.14 -3.50 8.52
C VAL A 19 7.68 -3.87 8.74
N VAL A 20 6.78 -3.14 8.07
CA VAL A 20 5.35 -3.50 8.10
C VAL A 20 4.77 -3.44 6.70
N LEU A 21 4.10 -4.52 6.30
CA LEU A 21 3.28 -4.57 5.07
C LEU A 21 1.85 -4.12 5.39
N VAL A 22 1.37 -3.08 4.73
CA VAL A 22 -0.03 -2.66 4.93
C VAL A 22 -0.96 -2.95 3.74
N VAL A 23 -2.15 -3.42 4.11
CA VAL A 23 -3.20 -3.76 3.14
C VAL A 23 -4.49 -3.04 3.55
N GLY A 24 -5.43 -2.88 2.61
CA GLY A 24 -6.65 -2.14 2.92
C GLY A 24 -7.66 -3.02 3.65
N ASP A 25 -7.90 -4.20 3.08
CA ASP A 25 -8.90 -5.19 3.53
C ASP A 25 -8.39 -6.02 4.71
N PRO A 26 -9.10 -6.01 5.87
CA PRO A 26 -8.70 -6.97 6.91
C PRO A 26 -8.72 -8.43 6.45
N GLY A 27 -9.60 -8.75 5.50
CA GLY A 27 -9.63 -10.06 4.82
C GLY A 27 -8.39 -10.41 4.03
N ARG A 28 -7.69 -9.39 3.54
CA ARG A 28 -6.39 -9.57 2.89
C ARG A 28 -5.28 -10.03 3.82
N VAL A 29 -5.34 -9.63 5.09
CA VAL A 29 -4.34 -10.07 6.10
C VAL A 29 -4.32 -11.59 6.22
N ASP A 30 -5.50 -12.21 6.24
CA ASP A 30 -5.62 -13.65 6.37
C ASP A 30 -5.11 -14.38 5.13
N LYS A 31 -5.32 -13.79 3.95
CA LYS A 31 -4.79 -14.31 2.69
C LYS A 31 -3.27 -14.19 2.58
N VAL A 32 -2.72 -13.07 3.08
CA VAL A 32 -1.29 -12.84 3.06
C VAL A 32 -0.66 -13.87 3.99
N LYS A 33 -1.19 -14.00 5.20
CA LYS A 33 -0.53 -14.83 6.23
C LYS A 33 -0.42 -16.29 5.83
N VAL A 34 -1.31 -16.77 4.95
CA VAL A 34 -1.28 -18.18 4.56
C VAL A 34 -0.13 -18.47 3.62
N LEU A 35 0.40 -17.42 3.00
CA LEU A 35 1.54 -17.54 2.09
C LEU A 35 2.89 -17.40 2.79
N CYS A 36 2.89 -16.97 4.06
CA CYS A 36 4.10 -16.95 4.88
C CYS A 36 4.54 -18.33 5.42
N ASP A 37 5.80 -18.40 5.85
CA ASP A 37 6.34 -19.54 6.60
C ASP A 37 5.59 -19.86 7.90
N SER A 38 5.17 -18.84 8.63
CA SER A 38 4.49 -18.98 9.92
C SER A 38 3.94 -17.61 10.25
N TYR A 39 2.96 -17.55 11.15
CA TYR A 39 2.47 -16.24 11.62
C TYR A 39 2.01 -16.29 13.07
N VAL A 40 1.83 -15.11 13.66
CA VAL A 40 1.26 -14.92 14.98
C VAL A 40 0.17 -13.85 14.81
N ASP A 41 -1.11 -14.22 14.95
CA ASP A 41 -2.19 -13.22 15.09
C ASP A 41 -1.90 -12.31 16.28
N LEU A 42 -2.02 -10.99 16.07
CA LEU A 42 -1.69 -10.00 17.10
C LEU A 42 -2.93 -9.34 17.69
N ALA A 43 -3.63 -8.56 16.87
CA ALA A 43 -4.79 -7.78 17.33
C ALA A 43 -5.77 -7.63 16.16
N TYR A 44 -7.05 -7.37 16.48
CA TYR A 44 -8.08 -7.03 15.48
C TYR A 44 -9.02 -6.08 16.19
N ASN A 45 -8.86 -4.79 15.88
CA ASN A 45 -9.72 -3.74 16.41
C ASN A 45 -10.19 -2.82 15.29
N ARG A 46 -11.46 -2.45 15.30
CA ARG A 46 -12.04 -1.68 14.18
C ARG A 46 -11.68 -2.40 12.87
N GLU A 47 -11.28 -1.66 11.83
CA GLU A 47 -10.73 -2.21 10.58
C GLU A 47 -9.25 -2.60 10.59
N TYR A 48 -8.60 -2.55 11.77
CA TYR A 48 -7.15 -2.70 11.91
C TYR A 48 -6.84 -4.13 12.40
N LYS A 49 -6.56 -5.02 11.46
CA LYS A 49 -6.17 -6.41 11.77
C LYS A 49 -4.65 -6.55 11.64
N SER A 50 -4.00 -7.16 12.63
CA SER A 50 -2.54 -7.23 12.70
C SER A 50 -2.03 -8.66 12.89
N VAL A 51 -1.08 -9.09 12.05
CA VAL A 51 -0.38 -10.38 12.19
C VAL A 51 1.13 -10.13 12.12
N GLU A 52 1.92 -10.91 12.84
CA GLU A 52 3.34 -11.02 12.51
C GLU A 52 3.60 -12.15 11.51
N CYS A 53 4.13 -11.76 10.36
CA CYS A 53 4.54 -12.69 9.34
C CYS A 53 5.94 -13.16 9.65
N THR A 54 6.21 -14.45 9.42
CA THR A 54 7.58 -14.90 9.18
C THR A 54 7.65 -15.38 7.74
N TYR A 55 8.57 -14.77 7.00
CA TYR A 55 8.71 -15.18 5.62
C TYR A 55 10.17 -15.13 5.24
N LYS A 56 10.67 -16.24 4.69
CA LYS A 56 12.07 -16.40 4.28
C LYS A 56 12.99 -15.96 5.42
N GLY A 57 12.66 -16.43 6.62
CA GLY A 57 13.53 -16.27 7.78
C GLY A 57 13.34 -14.99 8.56
N GLN A 58 12.46 -14.12 8.06
CA GLN A 58 12.40 -12.76 8.56
C GLN A 58 11.02 -12.47 9.14
N LYS A 59 11.00 -11.63 10.16
CA LYS A 59 9.75 -11.24 10.80
C LYS A 59 9.36 -9.82 10.37
N PHE A 60 8.10 -9.62 10.02
CA PHE A 60 7.54 -8.29 9.75
C PHE A 60 6.03 -8.37 9.90
N LEU A 61 5.36 -7.25 10.18
CA LEU A 61 3.91 -7.30 10.42
C LEU A 61 3.16 -7.22 9.09
N CYS A 62 1.97 -7.79 9.04
CA CYS A 62 0.99 -7.36 8.07
C CYS A 62 -0.21 -6.77 8.79
N VAL A 63 -0.59 -5.55 8.39
CA VAL A 63 -1.60 -4.76 9.10
C VAL A 63 -2.59 -4.17 8.10
N SER A 64 -3.88 -4.37 8.35
CA SER A 64 -4.93 -3.72 7.56
C SER A 64 -5.22 -2.31 8.02
N HIS A 65 -5.54 -1.44 7.07
CA HIS A 65 -5.70 0.00 7.39
C HIS A 65 -7.09 0.58 7.06
N GLY A 66 -7.92 -0.23 6.40
CA GLY A 66 -9.25 0.20 5.99
C GLY A 66 -9.20 0.96 4.68
N VAL A 67 -10.36 1.36 4.17
CA VAL A 67 -10.46 2.21 2.96
C VAL A 67 -10.30 3.65 3.44
N GLY A 68 -9.40 4.39 2.79
CA GLY A 68 -9.47 5.82 2.62
C GLY A 68 -8.45 6.52 3.50
N SER A 69 -8.05 7.72 3.03
CA SER A 69 -6.84 8.37 3.53
C SER A 69 -6.88 8.67 5.05
N ALA A 70 -8.01 9.15 5.57
CA ALA A 70 -8.06 9.57 6.98
C ALA A 70 -8.00 8.37 7.91
N GLY A 71 -8.69 7.29 7.53
CA GLY A 71 -8.66 6.06 8.30
C GLY A 71 -7.31 5.37 8.25
N CYS A 72 -6.66 5.40 7.09
CA CYS A 72 -5.39 4.68 7.00
C CYS A 72 -4.34 5.50 7.69
N ALA A 73 -4.49 6.83 7.65
CA ALA A 73 -3.50 7.70 8.31
C ALA A 73 -3.39 7.35 9.78
N ILE A 74 -4.51 6.98 10.41
CA ILE A 74 -4.47 6.62 11.84
C ILE A 74 -3.62 5.38 12.05
N CYS A 75 -3.87 4.36 11.21
CA CYS A 75 -3.01 3.17 11.17
C CYS A 75 -1.51 3.53 11.09
N PHE A 76 -1.18 4.37 10.10
CA PHE A 76 0.21 4.62 9.71
C PHE A 76 0.90 5.43 10.81
N GLU A 77 0.23 6.44 11.37
CA GLU A 77 0.80 7.26 12.46
C GLU A 77 1.10 6.38 13.68
N GLU A 78 0.19 5.44 13.94
CA GLU A 78 0.34 4.59 15.12
C GLU A 78 1.47 3.57 14.94
N LEU A 79 1.62 3.03 13.73
CA LEU A 79 2.75 2.15 13.40
C LEU A 79 4.08 2.88 13.56
N MET A 80 4.14 4.13 13.08
CA MET A 80 5.34 4.96 13.15
C MET A 80 5.59 5.33 14.62
N ASN A 81 4.55 5.67 15.36
CA ASN A 81 4.62 5.78 16.83
C ASN A 81 5.31 4.61 17.52
N ASN A 82 5.03 3.40 17.05
CA ASN A 82 5.61 2.15 17.53
C ASN A 82 7.00 1.75 16.98
N GLY A 83 7.60 2.61 16.18
CA GLY A 83 8.94 2.40 15.66
C GLY A 83 9.07 1.82 14.26
N ALA A 84 7.97 1.62 13.52
CA ALA A 84 8.14 1.09 12.16
C ALA A 84 9.12 1.99 11.43
N LYS A 85 10.03 1.40 10.68
CA LYS A 85 11.03 2.10 9.88
C LYS A 85 10.75 2.04 8.37
N VAL A 86 9.98 1.02 7.95
CA VAL A 86 9.66 0.76 6.54
C VAL A 86 8.17 0.38 6.55
N ILE A 87 7.34 1.10 5.79
CA ILE A 87 5.98 0.64 5.56
C ILE A 87 5.70 0.59 4.04
N ILE A 88 5.26 -0.55 3.57
CA ILE A 88 4.92 -0.79 2.16
C ILE A 88 3.42 -1.05 2.02
N ARG A 89 2.75 -0.24 1.20
CA ARG A 89 1.33 -0.49 0.92
C ARG A 89 1.24 -1.45 -0.27
N ALA A 90 0.52 -2.55 -0.06
CA ALA A 90 0.25 -3.51 -1.10
C ALA A 90 -1.25 -3.59 -1.32
N GLY A 91 -1.69 -3.22 -2.53
CA GLY A 91 -3.13 -3.20 -2.79
C GLY A 91 -3.64 -3.28 -4.22
N SER A 92 -4.93 -3.00 -4.36
CA SER A 92 -5.59 -2.87 -5.66
C SER A 92 -5.65 -1.43 -6.14
N CYS A 93 -5.75 -1.28 -7.46
CA CYS A 93 -5.87 0.04 -8.06
C CYS A 93 -6.69 -0.06 -9.34
N GLY A 94 -7.06 1.10 -9.87
CA GLY A 94 -7.64 1.22 -11.21
C GLY A 94 -6.60 1.67 -12.22
N SER A 95 -6.76 1.30 -13.49
CA SER A 95 -5.77 1.70 -14.49
C SER A 95 -6.20 3.04 -15.07
N LEU A 96 -5.28 4.00 -15.09
CA LEU A 96 -5.46 5.28 -15.78
C LEU A 96 -4.80 5.24 -17.17
N GLN A 97 -4.21 4.10 -17.54
CA GLN A 97 -3.61 3.97 -18.87
C GLN A 97 -4.13 2.69 -19.53
N PRO A 98 -5.41 2.70 -19.93
CA PRO A 98 -6.16 1.46 -20.08
C PRO A 98 -5.73 0.67 -21.33
N THR A 99 -5.08 1.34 -22.28
CA THR A 99 -4.45 0.69 -23.45
C THR A 99 -3.16 -0.06 -23.12
N GLN A 100 -2.54 0.28 -21.99
CA GLN A 100 -1.17 -0.12 -21.64
C GLN A 100 -1.19 -1.05 -20.43
N MET A 101 -1.95 -0.67 -19.41
CA MET A 101 -2.04 -1.40 -18.16
C MET A 101 -3.44 -1.98 -17.99
N LYS A 102 -3.57 -3.32 -18.02
CA LYS A 102 -4.89 -3.99 -17.92
C LYS A 102 -5.09 -4.70 -16.60
N ARG A 103 -6.31 -5.19 -16.36
CA ARG A 103 -6.65 -6.02 -15.20
C ARG A 103 -5.60 -7.11 -15.06
N GLY A 104 -5.10 -7.27 -13.84
CA GLY A 104 -4.03 -8.22 -13.60
C GLY A 104 -2.63 -7.65 -13.62
N ASP A 105 -2.43 -6.55 -14.35
CA ASP A 105 -1.10 -5.94 -14.38
C ASP A 105 -0.72 -5.38 -13.02
N ILE A 106 0.58 -5.40 -12.72
CA ILE A 106 1.05 -4.92 -11.44
C ILE A 106 1.86 -3.63 -11.62
N CYS A 107 1.57 -2.64 -10.77
CA CYS A 107 2.28 -1.37 -10.86
C CYS A 107 3.04 -1.04 -9.55
N ILE A 108 4.33 -0.78 -9.69
CA ILE A 108 5.14 -0.38 -8.54
C ILE A 108 5.27 1.15 -8.59
N CYS A 109 4.89 1.83 -7.51
CA CYS A 109 4.69 3.27 -7.55
CA CYS A 109 4.70 3.29 -7.56
C CYS A 109 5.78 4.07 -6.82
N ASN A 110 6.39 5.03 -7.52
CA ASN A 110 7.42 5.90 -6.91
C ASN A 110 6.89 7.19 -6.28
N ALA A 111 5.66 7.57 -6.63
CA ALA A 111 5.11 8.86 -6.20
C ALA A 111 3.60 8.87 -6.37
N ALA A 112 2.95 9.89 -5.83
CA ALA A 112 1.47 9.97 -5.94
C ALA A 112 0.95 11.38 -5.95
N VAL A 113 -0.20 11.54 -6.62
CA VAL A 113 -1.04 12.74 -6.54
C VAL A 113 -1.78 12.76 -5.20
N ARG A 114 -1.63 13.88 -4.51
CA ARG A 114 -2.19 14.06 -3.17
C ARG A 114 -3.66 14.51 -3.18
N GLU A 115 -4.61 13.69 -3.68
CA GLU A 115 -6.00 14.19 -3.69
C GLU A 115 -6.67 13.68 -2.41
N ASP A 116 -5.99 13.92 -1.29
CA ASP A 116 -6.57 13.78 0.06
C ASP A 116 -6.75 15.12 0.78
N ARG A 117 -7.04 15.04 2.08
CA ARG A 117 -6.96 16.24 2.93
C ARG A 117 -5.86 16.17 3.99
N VAL A 118 -5.70 14.97 4.56
CA VAL A 118 -4.88 14.85 5.75
C VAL A 118 -3.43 15.20 5.41
N SER A 119 -2.92 14.85 4.22
CA SER A 119 -1.53 15.24 3.88
C SER A 119 -1.40 16.76 3.91
N HIS A 120 -2.44 17.46 3.43
CA HIS A 120 -2.50 18.94 3.41
C HIS A 120 -2.61 19.55 4.80
N LEU A 121 -3.14 18.77 5.74
CA LEU A 121 -3.16 19.15 7.15
C LEU A 121 -1.79 18.99 7.84
N MET A 122 -0.93 18.20 7.22
CA MET A 122 0.46 17.99 7.66
C MET A 122 1.42 19.03 7.10
N ILE A 123 1.25 19.35 5.81
CA ILE A 123 2.21 20.12 5.03
C ILE A 123 1.61 20.71 3.73
N TYR A 124 2.20 21.80 3.22
CA TYR A 124 1.61 22.60 2.13
C TYR A 124 1.48 21.77 0.84
N SER A 125 0.53 22.13 -0.03
CA SER A 125 0.27 21.28 -1.21
C SER A 125 1.50 21.13 -2.06
N ASP A 126 2.39 22.13 -2.05
CA ASP A 126 3.57 22.13 -2.93
C ASP A 126 4.51 20.94 -2.70
N PHE A 127 4.39 20.31 -1.52
CA PHE A 127 5.29 19.26 -1.06
C PHE A 127 5.03 17.92 -1.79
N PRO A 128 6.09 17.23 -2.27
CA PRO A 128 5.82 16.03 -3.08
C PRO A 128 5.46 14.78 -2.27
N ALA A 129 4.44 14.05 -2.70
CA ALA A 129 4.21 12.68 -2.24
C ALA A 129 5.11 11.66 -2.93
N VAL A 130 6.16 11.20 -2.24
CA VAL A 130 7.16 10.39 -2.93
C VAL A 130 7.56 9.15 -2.11
N ALA A 131 7.71 8.02 -2.80
CA ALA A 131 8.24 6.79 -2.16
C ALA A 131 9.71 6.97 -1.77
N ASP A 132 10.14 6.27 -0.74
CA ASP A 132 11.57 6.08 -0.56
C ASP A 132 12.15 5.32 -1.74
N TYR A 133 13.28 5.78 -2.25
N TYR A 133 13.26 5.81 -2.30
CA TYR A 133 13.79 5.20 -3.49
CA TYR A 133 13.92 5.18 -3.45
C TYR A 133 14.46 3.84 -3.32
C TYR A 133 14.25 3.73 -3.21
N GLU A 134 14.95 3.49 -2.11
CA GLU A 134 15.39 2.13 -1.79
C GLU A 134 14.23 1.13 -1.76
N VAL A 135 13.10 1.53 -1.15
CA VAL A 135 11.95 0.66 -1.09
C VAL A 135 11.44 0.41 -2.52
N TYR A 136 11.37 1.45 -3.34
CA TYR A 136 10.88 1.33 -4.71
C TYR A 136 11.83 0.41 -5.51
N ALA A 137 13.12 0.63 -5.31
CA ALA A 137 14.14 -0.14 -6.02
C ALA A 137 14.05 -1.60 -5.65
N THR A 138 13.86 -1.88 -4.35
CA THR A 138 13.77 -3.28 -3.88
C THR A 138 12.57 -4.05 -4.45
N LEU A 139 11.41 -3.41 -4.47
CA LEU A 139 10.23 -4.01 -5.11
C LEU A 139 10.50 -4.38 -6.57
N ASN A 140 11.13 -3.47 -7.31
CA ASN A 140 11.49 -3.71 -8.72
C ASN A 140 12.43 -4.87 -8.89
N GLN A 141 13.42 -4.94 -7.99
CA GLN A 141 14.52 -5.92 -8.07
C GLN A 141 13.89 -7.30 -7.87
N VAL A 142 13.11 -7.42 -6.80
CA VAL A 142 12.41 -8.66 -6.43
C VAL A 142 11.50 -9.11 -7.58
N ALA A 143 10.70 -8.19 -8.12
CA ALA A 143 9.84 -8.53 -9.24
C ALA A 143 10.68 -9.08 -10.39
N GLU A 144 11.84 -8.47 -10.68
CA GLU A 144 12.69 -8.90 -11.81
C GLU A 144 13.24 -10.33 -11.59
N GLU A 145 13.76 -10.56 -10.39
CA GLU A 145 14.20 -11.90 -9.99
C GLU A 145 13.11 -12.96 -10.04
N LEU A 146 11.87 -12.57 -9.72
CA LEU A 146 10.76 -13.54 -9.77
C LEU A 146 10.15 -13.67 -11.17
N LYS A 147 10.76 -12.99 -12.14
CA LYS A 147 10.28 -12.87 -13.52
C LYS A 147 8.80 -12.50 -13.62
N VAL A 148 8.38 -11.53 -12.79
CA VAL A 148 7.01 -11.01 -12.82
C VAL A 148 7.07 -9.63 -13.50
N PRO A 149 6.39 -9.47 -14.67
CA PRO A 149 6.43 -8.21 -15.40
C PRO A 149 5.72 -7.16 -14.55
N VAL A 150 6.31 -5.97 -14.44
CA VAL A 150 5.70 -4.89 -13.65
C VAL A 150 5.74 -3.58 -14.44
N PHE A 151 4.78 -2.70 -14.19
CA PHE A 151 4.83 -1.32 -14.65
C PHE A 151 5.35 -0.48 -13.49
N ASN A 152 5.95 0.66 -13.82
CA ASN A 152 6.24 1.69 -12.83
C ASN A 152 5.56 3.03 -13.14
N GLY A 153 5.16 3.75 -12.10
CA GLY A 153 4.44 4.99 -12.36
C GLY A 153 3.95 5.70 -11.11
N ILE A 154 3.27 6.80 -11.33
CA ILE A 154 2.68 7.63 -10.28
C ILE A 154 1.27 7.10 -10.04
N SER A 155 0.87 7.13 -8.79
CA SER A 155 -0.53 6.85 -8.45
C SER A 155 -1.29 8.14 -8.17
N LEU A 156 -2.52 8.19 -8.68
CA LEU A 156 -3.50 9.14 -8.16
C LEU A 156 -4.12 8.60 -6.87
N SER A 157 -3.86 9.26 -5.75
CA SER A 157 -4.56 8.88 -4.51
C SER A 157 -5.77 9.79 -4.24
N SER A 158 -6.98 9.31 -4.51
CA SER A 158 -8.18 10.18 -4.50
C SER A 158 -9.12 9.73 -3.38
N ASP A 159 -9.50 10.68 -2.55
CA ASP A 159 -10.56 10.45 -1.57
C ASP A 159 -11.96 10.19 -2.16
N MET A 160 -12.18 10.47 -3.45
CA MET A 160 -13.48 10.23 -4.08
C MET A 160 -13.50 8.95 -4.89
N TYR A 161 -14.39 8.02 -4.56
CA TYR A 161 -14.60 6.76 -5.31
C TYR A 161 -15.81 6.90 -6.23
N TYR A 162 -16.96 7.29 -5.66
CA TYR A 162 -18.17 7.58 -6.42
C TYR A 162 -18.28 9.07 -6.82
N PRO A 163 -18.22 9.37 -8.15
CA PRO A 163 -18.39 10.73 -8.62
C PRO A 163 -19.77 11.29 -8.37
N HIS A 164 -19.82 12.61 -8.19
CA HIS A 164 -21.07 13.37 -8.22
C HIS A 164 -21.23 14.14 -9.52
N LYS A 165 -22.33 14.90 -9.61
CA LYS A 165 -22.90 15.35 -10.89
C LYS A 165 -22.44 16.76 -11.29
N ILE A 166 -21.81 17.47 -10.36
CA ILE A 166 -21.73 18.93 -10.45
C ILE A 166 -20.35 19.28 -10.98
N ILE A 167 -19.32 18.74 -10.34
CA ILE A 167 -17.95 19.05 -10.77
C ILE A 167 -17.22 17.78 -11.22
N PRO A 168 -16.36 17.93 -12.24
CA PRO A 168 -15.74 16.72 -12.77
C PRO A 168 -14.69 16.21 -11.79
N THR A 169 -14.43 14.92 -11.86
CA THR A 169 -13.20 14.32 -11.30
C THR A 169 -11.96 14.69 -12.12
N ARG A 170 -10.79 14.39 -11.58
CA ARG A 170 -9.56 14.63 -12.33
C ARG A 170 -8.96 13.33 -12.86
N LEU A 171 -9.79 12.29 -12.99
CA LEU A 171 -9.26 11.02 -13.51
C LEU A 171 -8.68 11.15 -14.92
N GLU A 172 -9.43 11.79 -15.82
CA GLU A 172 -8.93 11.97 -17.19
C GLU A 172 -7.74 12.92 -17.25
N ASP A 173 -7.82 14.02 -16.51
CA ASP A 173 -6.76 15.04 -16.51
C ASP A 173 -5.46 14.37 -16.08
N TYR A 174 -5.52 13.55 -15.03
CA TYR A 174 -4.30 12.89 -14.55
C TYR A 174 -3.75 11.77 -15.47
N SER A 175 -4.65 11.07 -16.15
CA SER A 175 -4.30 10.16 -17.26
C SER A 175 -3.49 10.87 -18.35
N LYS A 176 -3.96 12.06 -18.75
CA LYS A 176 -3.27 12.91 -19.71
C LYS A 176 -1.91 13.36 -19.18
N ALA A 177 -1.78 13.51 -17.86
CA ALA A 177 -0.50 13.86 -17.19
C ALA A 177 0.40 12.66 -16.90
N ASN A 178 0.04 11.50 -17.47
CA ASN A 178 0.82 10.27 -17.44
C ASN A 178 0.85 9.55 -16.09
N VAL A 179 -0.12 9.87 -15.23
CA VAL A 179 -0.35 9.11 -13.99
C VAL A 179 -0.81 7.70 -14.38
N ALA A 180 -0.22 6.69 -13.75
CA ALA A 180 -0.39 5.29 -14.14
C ALA A 180 -1.71 4.73 -13.66
N VAL A 181 -1.93 4.83 -12.35
CA VAL A 181 -3.02 4.10 -11.67
C VAL A 181 -3.69 5.02 -10.66
N VAL A 182 -4.79 4.55 -10.11
CA VAL A 182 -5.55 5.31 -9.11
C VAL A 182 -5.96 4.39 -7.98
N GLU A 183 -5.73 4.89 -6.77
CA GLU A 183 -6.22 4.23 -5.56
C GLU A 183 -6.48 5.32 -4.49
N MET A 184 -6.44 4.99 -3.20
CA MET A 184 -7.00 5.91 -2.20
C MET A 184 -6.12 6.22 -0.97
N GLU A 185 -4.90 5.70 -0.92
CA GLU A 185 -4.15 5.76 0.35
C GLU A 185 -2.67 6.10 0.20
N VAL A 186 -2.05 5.80 -0.94
CA VAL A 186 -0.59 5.82 -0.88
C VAL A 186 0.02 7.23 -0.76
N ALA A 187 -0.65 8.28 -1.27
CA ALA A 187 -0.09 9.64 -1.09
C ALA A 187 0.06 9.97 0.41
N THR A 188 -0.95 9.56 1.16
CA THR A 188 -1.04 9.90 2.60
C THR A 188 0.14 9.23 3.35
N LEU A 189 0.34 7.94 3.09
CA LEU A 189 1.49 7.16 3.55
C LEU A 189 2.81 7.82 3.13
N MET A 190 2.97 8.15 1.85
CA MET A 190 4.26 8.73 1.41
C MET A 190 4.63 10.03 2.10
N VAL A 191 3.72 11.00 2.12
CA VAL A 191 3.97 12.25 2.82
C VAL A 191 4.31 12.05 4.30
N MET A 192 3.48 11.29 5.01
CA MET A 192 3.73 11.01 6.43
C MET A 192 5.09 10.37 6.64
N GLY A 193 5.42 9.38 5.80
CA GLY A 193 6.76 8.79 5.76
C GLY A 193 7.90 9.82 5.72
N THR A 194 7.83 10.73 4.75
CA THR A 194 8.92 11.70 4.55
C THR A 194 9.03 12.58 5.80
N LEU A 195 7.86 13.00 6.29
CA LEU A 195 7.74 13.87 7.46
C LEU A 195 8.28 13.22 8.74
N ARG A 196 8.15 11.90 8.86
CA ARG A 196 8.53 11.19 10.08
C ARG A 196 9.74 10.30 9.87
N LYS A 197 10.38 10.42 8.71
CA LYS A 197 11.63 9.67 8.45
C LYS A 197 11.37 8.14 8.49
N VAL A 198 10.28 7.74 7.87
CA VAL A 198 9.93 6.36 7.72
C VAL A 198 9.87 6.09 6.21
N LYS A 199 10.49 4.98 5.80
CA LYS A 199 10.69 4.67 4.41
C LYS A 199 9.42 4.01 3.88
N THR A 200 8.89 4.47 2.77
CA THR A 200 7.63 3.91 2.32
C THR A 200 7.63 3.49 0.84
N GLY A 201 6.65 2.71 0.43
CA GLY A 201 6.48 2.49 -1.01
C GLY A 201 5.14 1.83 -1.28
N GLY A 202 4.86 1.50 -2.53
CA GLY A 202 3.53 1.05 -2.95
C GLY A 202 3.64 0.07 -4.12
N ILE A 203 2.97 -1.05 -3.99
CA ILE A 203 2.76 -1.95 -5.12
C ILE A 203 1.29 -2.32 -5.22
N PHE A 204 0.80 -2.36 -6.46
CA PHE A 204 -0.65 -2.44 -6.67
C PHE A 204 -0.95 -3.39 -7.81
N ILE A 205 -2.11 -4.04 -7.74
CA ILE A 205 -2.61 -4.88 -8.84
C ILE A 205 -3.86 -4.24 -9.43
N VAL A 206 -3.91 -4.13 -10.76
CA VAL A 206 -5.03 -3.52 -11.46
C VAL A 206 -6.20 -4.47 -11.37
N ASP A 207 -7.27 -3.99 -10.74
CA ASP A 207 -8.54 -4.71 -10.58
C ASP A 207 -9.73 -3.86 -10.98
N GLY A 208 -9.43 -2.68 -11.53
CA GLY A 208 -10.46 -1.69 -11.84
C GLY A 208 -10.06 -0.95 -13.10
N CYS A 209 -11.08 -0.59 -13.87
CA CYS A 209 -10.92 0.21 -15.08
C CYS A 209 -11.87 1.40 -15.03
N PRO A 210 -11.56 2.42 -14.19
CA PRO A 210 -12.52 3.49 -13.89
C PRO A 210 -12.72 4.44 -15.06
N LEU A 211 -11.89 4.36 -16.08
CA LEU A 211 -12.05 5.26 -17.22
C LEU A 211 -13.21 4.79 -18.12
N LYS A 212 -13.48 3.54 -18.23
CA LYS A 212 -13.76 2.97 -19.54
C LYS A 212 -12.98 1.67 -19.76
N TRP A 213 -12.76 1.33 -21.02
CA TRP A 213 -13.08 -0.02 -21.50
C TRP A 213 -12.62 -1.10 -20.52
N ASP A 214 -13.52 -2.04 -20.23
CA ASP A 214 -13.13 -3.43 -20.00
C ASP A 214 -13.47 -3.88 -18.58
N GLU A 215 -14.33 -4.88 -18.47
CA GLU A 215 -13.88 -6.23 -18.12
C GLU A 215 -14.55 -6.72 -16.84
N GLY A 216 -15.40 -7.73 -16.97
CA GLY A 216 -15.34 -8.91 -16.12
C GLY A 216 -16.17 -8.75 -14.86
N ASP A 217 -16.29 -9.83 -14.10
CA ASP A 217 -15.39 -10.09 -12.98
C ASP A 217 -15.08 -8.80 -12.22
N PHE A 218 -15.93 -7.79 -12.40
CA PHE A 218 -16.76 -7.30 -11.30
C PHE A 218 -15.91 -7.04 -10.05
N ASP A 219 -15.45 -8.11 -9.42
CA ASP A 219 -14.38 -8.01 -8.44
C ASP A 219 -14.75 -8.74 -7.15
N ASN A 220 -14.32 -8.19 -6.02
CA ASN A 220 -12.97 -8.41 -5.53
C ASN A 220 -12.73 -9.86 -5.10
N ASN A 221 -12.73 -10.76 -6.06
CA ASN A 221 -11.68 -11.75 -6.19
C ASN A 221 -10.54 -11.27 -7.09
N LEU A 222 -10.54 -9.98 -7.41
CA LEU A 222 -9.36 -9.31 -7.91
C LEU A 222 -8.96 -9.84 -9.29
N VAL A 223 -7.75 -10.39 -9.37
CA VAL A 223 -7.55 -11.70 -9.99
C VAL A 223 -6.68 -12.59 -9.11
N PRO A 224 -7.06 -13.84 -8.98
CA PRO A 224 -6.13 -14.91 -8.61
C PRO A 224 -4.78 -14.75 -9.30
N GLU A 225 -3.71 -15.17 -8.64
CA GLU A 225 -2.53 -15.72 -9.34
C GLU A 225 -1.54 -14.64 -9.79
N ARG A 226 -2.05 -13.69 -10.58
CA ARG A 226 -1.43 -12.37 -10.68
C ARG A 226 -1.47 -11.71 -9.31
N LEU A 227 -2.58 -11.90 -8.60
CA LEU A 227 -2.67 -11.45 -7.22
C LEU A 227 -1.60 -12.12 -6.33
N GLU A 228 -1.45 -13.44 -6.46
CA GLU A 228 -0.44 -14.19 -5.72
C GLU A 228 0.98 -13.64 -5.94
N ASN A 229 1.31 -13.39 -7.21
CA ASN A 229 2.57 -12.79 -7.64
C ASN A 229 2.85 -11.44 -6.96
N MET A 230 1.88 -10.54 -6.99
CA MET A 230 2.01 -9.22 -6.31
C MET A 230 2.26 -9.43 -4.80
N ILE A 231 1.46 -10.27 -4.17
CA ILE A 231 1.69 -10.59 -2.75
C ILE A 231 3.09 -11.18 -2.49
N LYS A 232 3.52 -12.12 -3.34
CA LYS A 232 4.87 -12.69 -3.20
C LYS A 232 5.98 -11.65 -3.31
N ILE A 233 5.81 -10.73 -4.26
CA ILE A 233 6.80 -9.66 -4.44
C ILE A 233 6.86 -8.85 -3.15
N SER A 234 5.68 -8.49 -2.65
CA SER A 234 5.52 -7.76 -1.40
C SER A 234 6.22 -8.45 -0.23
N LEU A 235 5.93 -9.74 -0.07
CA LEU A 235 6.50 -10.52 1.03
C LEU A 235 8.03 -10.65 0.89
N GLU A 236 8.47 -10.98 -0.33
CA GLU A 236 9.92 -11.09 -0.59
C GLU A 236 10.64 -9.76 -0.30
N THR A 237 10.00 -8.67 -0.72
CA THR A 237 10.58 -7.34 -0.52
C THR A 237 10.68 -7.01 0.96
N CYS A 238 9.60 -7.32 1.69
CA CYS A 238 9.56 -7.08 3.15
C CYS A 238 10.63 -7.84 3.90
N ALA A 239 10.79 -9.11 3.52
CA ALA A 239 11.88 -9.93 4.05
C ALA A 239 13.24 -9.31 3.74
N ARG A 240 13.48 -8.93 2.48
CA ARG A 240 14.81 -8.40 2.12
C ARG A 240 15.14 -7.16 2.96
N LEU A 241 14.13 -6.32 3.15
CA LEU A 241 14.30 -5.10 3.93
C LEU A 241 14.40 -5.36 5.44
N ALA A 242 13.68 -6.35 5.96
CA ALA A 242 13.77 -6.62 7.40
C ALA A 242 15.19 -7.10 7.76
N LYS A 243 15.82 -7.86 6.86
CA LYS A 243 17.26 -8.17 6.96
C LYS A 243 18.15 -6.93 7.19
N LYS A 244 17.84 -5.85 6.49
CA LYS A 244 18.62 -4.62 6.64
C LYS A 244 18.47 -4.06 8.05
N TYR A 245 17.39 -4.46 8.73
CA TYR A 245 16.86 -3.73 9.87
C TYR A 245 16.90 -4.41 11.22
N LEU A 246 17.81 -5.36 11.40
CA LEU A 246 17.82 -6.21 12.58
C LEU A 246 18.17 -5.41 13.83
#